data_6KUI
#
_entry.id   6KUI
#
_cell.length_a   95.670
_cell.length_b   108.776
_cell.length_c   123.004
_cell.angle_alpha   90.000
_cell.angle_beta   90.000
_cell.angle_gamma   90.000
#
_symmetry.space_group_name_H-M   'I 2 2 2'
#
loop_
_entity.id
_entity.type
_entity.pdbx_description
1 polymer 'ATP-dependent protease subunit HslV'
2 water water
#
_entity_poly.entity_id   1
_entity_poly.type   'polypeptide(L)'
_entity_poly.pdbx_seq_one_letter_code
;MHHHHHHENLYFQGAASMSNTTLHATTIYAVRHNGKAAMAGDGQVTLGQQVIMKQTARKVRRLYEGKVLAGFAGSVADAF
TLFEKFETKLQQFSGNLERAAVELAQEWRGDKQLRQLEAMLIVMDKDAILVVSGTGEVIAPDDDLIAIGSGGNYALSAGR
ALKRHASHLSAEEMAYESLKVAADICVFTNDNIVVETL
;
_entity_poly.pdbx_strand_id   A,B,C
#
# COMPACT_ATOMS: atom_id res chain seq x y z
N THR A 26 5.44 4.53 -8.81
CA THR A 26 4.89 5.02 -10.06
C THR A 26 6.01 5.23 -11.08
N THR A 27 5.77 4.81 -12.31
CA THR A 27 6.71 5.06 -13.41
C THR A 27 5.90 5.23 -14.69
N ILE A 28 6.16 6.32 -15.39
CA ILE A 28 5.52 6.61 -16.67
C ILE A 28 6.62 6.96 -17.67
N TYR A 29 6.73 6.17 -18.73
CA TYR A 29 7.82 6.29 -19.69
C TYR A 29 7.24 6.53 -21.08
N ALA A 30 7.81 7.49 -21.79
CA ALA A 30 7.38 7.85 -23.13
C ALA A 30 8.55 7.78 -24.09
N VAL A 31 8.28 7.36 -25.32
CA VAL A 31 9.34 7.21 -26.31
C VAL A 31 8.78 7.32 -27.73
N ARG A 32 9.38 8.19 -28.53
CA ARG A 32 9.13 8.24 -29.97
C ARG A 32 10.22 7.43 -30.67
N HIS A 33 9.80 6.51 -31.53
CA HIS A 33 10.75 5.62 -32.20
C HIS A 33 10.17 5.16 -33.53
N ASN A 34 10.86 5.48 -34.62
CA ASN A 34 10.48 5.04 -35.97
C ASN A 34 9.07 5.49 -36.33
N GLY A 35 8.81 6.79 -36.16
CA GLY A 35 7.52 7.36 -36.47
C GLY A 35 6.38 6.90 -35.58
N LYS A 36 6.65 6.05 -34.59
CA LYS A 36 5.64 5.58 -33.65
C LYS A 36 5.91 6.17 -32.27
N ALA A 37 4.84 6.62 -31.61
CA ALA A 37 4.93 7.22 -30.29
C ALA A 37 4.17 6.36 -29.28
N ALA A 38 4.75 6.21 -28.09
CA ALA A 38 4.16 5.35 -27.06
C ALA A 38 4.40 5.96 -25.69
N MET A 39 3.52 5.62 -24.75
CA MET A 39 3.66 6.01 -23.36
C MET A 39 3.11 4.88 -22.49
N ALA A 40 3.91 4.36 -21.57
CA ALA A 40 3.50 3.25 -20.73
C ALA A 40 3.53 3.66 -19.26
N GLY A 41 2.60 3.09 -18.49
CA GLY A 41 2.56 3.33 -17.07
C GLY A 41 2.18 2.07 -16.33
N ASP A 42 2.57 2.02 -15.05
CA ASP A 42 2.24 0.90 -14.19
C ASP A 42 0.88 1.15 -13.54
N GLY A 43 0.51 0.32 -12.58
CA GLY A 43 -0.80 0.45 -11.96
C GLY A 43 -0.81 0.55 -10.44
N GLN A 44 0.36 0.58 -9.81
CA GLN A 44 0.43 0.57 -8.36
C GLN A 44 0.13 1.95 -7.78
N VAL A 45 -0.65 1.97 -6.70
CA VAL A 45 -0.91 3.17 -5.92
C VAL A 45 -0.48 2.90 -4.47
N THR A 46 0.37 3.77 -3.93
CA THR A 46 0.95 3.58 -2.62
C THR A 46 0.56 4.72 -1.70
N LEU A 47 0.23 4.38 -0.45
CA LEU A 47 -0.13 5.36 0.57
C LEU A 47 0.97 5.41 1.64
N GLY A 48 1.41 6.62 1.96
CA GLY A 48 2.43 6.79 2.99
C GLY A 48 3.75 6.11 2.70
N GLN A 49 4.04 5.85 1.43
CA GLN A 49 5.30 5.22 1.01
C GLN A 49 5.50 3.85 1.65
N GLN A 50 4.41 3.16 2.01
CA GLN A 50 4.54 1.92 2.75
C GLN A 50 3.54 0.85 2.33
N VAL A 51 2.29 1.22 2.08
CA VAL A 51 1.21 0.26 1.86
C VAL A 51 0.65 0.42 0.46
N ILE A 52 0.33 -0.72 -0.17
CA ILE A 52 -0.28 -0.75 -1.49
C ILE A 52 -1.79 -0.71 -1.32
N MET A 53 -2.45 0.22 -2.03
CA MET A 53 -3.89 0.35 -1.97
C MET A 53 -4.60 -0.06 -3.24
N LYS A 54 -3.90 -0.09 -4.37
CA LYS A 54 -4.49 -0.45 -5.65
C LYS A 54 -3.39 -0.94 -6.57
N GLN A 55 -3.70 -1.91 -7.41
CA GLN A 55 -2.74 -2.49 -8.34
C GLN A 55 -3.08 -2.23 -9.81
N THR A 56 -4.28 -1.72 -10.11
CA THR A 56 -4.77 -1.65 -11.48
C THR A 56 -5.10 -0.22 -11.89
N ALA A 57 -4.34 0.76 -11.40
CA ALA A 57 -4.60 2.15 -11.77
C ALA A 57 -4.15 2.41 -13.20
N ARG A 58 -4.87 3.32 -13.87
CA ARG A 58 -4.57 3.72 -15.24
C ARG A 58 -4.05 5.15 -15.20
N LYS A 59 -2.75 5.31 -15.48
CA LYS A 59 -2.07 6.59 -15.29
C LYS A 59 -1.79 7.34 -16.59
N VAL A 60 -2.02 6.72 -17.74
CA VAL A 60 -1.81 7.37 -19.04
C VAL A 60 -3.16 7.76 -19.60
N ARG A 61 -3.35 9.05 -19.87
CA ARG A 61 -4.63 9.58 -20.32
C ARG A 61 -4.47 10.23 -21.69
N ARG A 62 -5.55 10.21 -22.46
CA ARG A 62 -5.58 10.83 -23.79
C ARG A 62 -6.20 12.21 -23.70
N LEU A 63 -5.52 13.20 -24.26
CA LEU A 63 -5.95 14.59 -24.20
C LEU A 63 -6.02 15.17 -25.60
N TYR A 64 -6.74 16.28 -25.72
CA TYR A 64 -6.74 17.11 -26.93
C TYR A 64 -7.09 16.30 -28.18
N GLU A 65 -8.33 15.80 -28.20
CA GLU A 65 -8.85 14.99 -29.30
C GLU A 65 -7.99 13.78 -29.58
N GLY A 66 -7.37 13.21 -28.56
CA GLY A 66 -6.55 12.03 -28.74
C GLY A 66 -5.23 12.27 -29.45
N LYS A 67 -4.76 13.52 -29.49
CA LYS A 67 -3.48 13.84 -30.10
C LYS A 67 -2.39 14.09 -29.08
N VAL A 68 -2.68 13.92 -27.80
CA VAL A 68 -1.70 14.10 -26.73
C VAL A 68 -1.85 12.96 -25.73
N LEU A 69 -0.73 12.34 -25.36
CA LEU A 69 -0.68 11.34 -24.31
C LEU A 69 -0.05 11.98 -23.07
N ALA A 70 -0.81 12.04 -21.98
CA ALA A 70 -0.37 12.69 -20.76
C ALA A 70 -0.30 11.70 -19.61
N GLY A 71 0.51 12.06 -18.61
CA GLY A 71 0.66 11.25 -17.42
C GLY A 71 1.14 12.10 -16.26
N PHE A 72 0.70 11.74 -15.06
CA PHE A 72 1.04 12.48 -13.86
C PHE A 72 1.44 11.50 -12.76
N ALA A 73 2.53 11.82 -12.07
CA ALA A 73 3.08 10.95 -11.04
C ALA A 73 2.51 11.21 -9.66
N GLY A 74 1.50 12.07 -9.55
CA GLY A 74 0.89 12.38 -8.26
C GLY A 74 -0.48 11.76 -8.07
N SER A 75 -1.36 12.47 -7.37
CA SER A 75 -2.71 11.97 -7.07
C SER A 75 -3.66 12.29 -8.22
N VAL A 76 -4.75 11.51 -8.28
CA VAL A 76 -5.68 11.62 -9.40
C VAL A 76 -6.41 12.95 -9.39
N ALA A 77 -6.64 13.53 -8.20
CA ALA A 77 -7.27 14.85 -8.15
C ALA A 77 -6.35 15.91 -8.72
N ASP A 78 -5.06 15.88 -8.38
CA ASP A 78 -4.12 16.83 -8.96
C ASP A 78 -3.88 16.55 -10.44
N ALA A 79 -3.87 15.27 -10.83
CA ALA A 79 -3.68 14.92 -12.24
C ALA A 79 -4.80 15.49 -13.10
N PHE A 80 -6.05 15.26 -12.69
CA PHE A 80 -7.18 15.76 -13.46
C PHE A 80 -7.21 17.28 -13.50
N THR A 81 -6.79 17.94 -12.42
CA THR A 81 -6.75 19.40 -12.41
C THR A 81 -5.75 19.93 -13.43
N LEU A 82 -4.55 19.33 -13.49
CA LEU A 82 -3.55 19.78 -14.45
C LEU A 82 -3.91 19.35 -15.86
N PHE A 83 -4.50 18.17 -16.03
CA PHE A 83 -4.93 17.73 -17.35
C PHE A 83 -5.93 18.71 -17.95
N GLU A 84 -6.83 19.23 -17.12
CA GLU A 84 -7.83 20.19 -17.60
C GLU A 84 -7.19 21.51 -17.99
N LYS A 85 -6.29 22.03 -17.14
CA LYS A 85 -5.63 23.29 -17.46
C LYS A 85 -4.71 23.17 -18.67
N PHE A 86 -4.12 21.99 -18.89
CA PHE A 86 -3.26 21.81 -20.06
C PHE A 86 -4.08 21.69 -21.34
N GLU A 87 -5.32 21.19 -21.24
CA GLU A 87 -6.16 21.08 -22.43
C GLU A 87 -6.59 22.45 -22.92
N THR A 88 -6.99 23.34 -22.01
CA THR A 88 -7.37 24.69 -22.42
C THR A 88 -6.18 25.46 -22.97
N LYS A 89 -4.98 25.21 -22.44
CA LYS A 89 -3.79 25.85 -22.99
C LYS A 89 -3.51 25.36 -24.41
N LEU A 90 -3.70 24.06 -24.66
CA LEU A 90 -3.50 23.53 -26.01
C LEU A 90 -4.50 24.12 -26.99
N GLN A 91 -5.77 24.21 -26.59
CA GLN A 91 -6.77 24.83 -27.44
C GLN A 91 -6.50 26.32 -27.64
N GLN A 92 -5.84 26.96 -26.67
CA GLN A 92 -5.53 28.38 -26.78
C GLN A 92 -4.38 28.62 -27.76
N PHE A 93 -3.45 27.68 -27.87
CA PHE A 93 -2.26 27.84 -28.67
C PHE A 93 -2.23 26.93 -29.90
N SER A 94 -3.37 26.33 -30.26
CA SER A 94 -3.47 25.49 -31.45
C SER A 94 -2.50 24.32 -31.41
N GLY A 95 -2.46 23.64 -30.26
CA GLY A 95 -1.67 22.44 -30.12
C GLY A 95 -0.18 22.64 -29.99
N ASN A 96 0.27 23.86 -29.67
CA ASN A 96 1.69 24.11 -29.41
C ASN A 96 2.05 23.50 -28.08
N LEU A 97 2.62 22.29 -28.11
CA LEU A 97 2.89 21.56 -26.87
C LEU A 97 3.82 22.33 -25.95
N GLU A 98 4.89 22.91 -26.52
CA GLU A 98 5.88 23.57 -25.67
C GLU A 98 5.32 24.84 -25.05
N ARG A 99 4.60 25.65 -25.82
CA ARG A 99 4.06 26.90 -25.28
C ARG A 99 2.97 26.63 -24.25
N ALA A 100 2.15 25.61 -24.48
CA ALA A 100 1.14 25.25 -23.49
C ALA A 100 1.79 24.76 -22.20
N ALA A 101 2.84 23.93 -22.33
CA ALA A 101 3.51 23.41 -21.15
C ALA A 101 4.17 24.52 -20.34
N VAL A 102 4.77 25.51 -21.02
CA VAL A 102 5.49 26.55 -20.33
C VAL A 102 4.55 27.42 -19.51
N GLU A 103 3.43 27.83 -20.10
CA GLU A 103 2.49 28.66 -19.36
C GLU A 103 1.73 27.88 -18.31
N LEU A 104 1.53 26.57 -18.53
CA LEU A 104 1.01 25.73 -17.45
C LEU A 104 2.00 25.69 -16.29
N ALA A 105 3.29 25.58 -16.59
CA ALA A 105 4.30 25.50 -15.54
C ALA A 105 4.36 26.78 -14.71
N GLN A 106 4.30 27.95 -15.36
CA GLN A 106 4.33 29.19 -14.59
C GLN A 106 2.99 29.49 -13.93
N GLU A 107 1.89 28.93 -14.44
CA GLU A 107 0.62 28.97 -13.73
C GLU A 107 0.63 27.98 -12.57
N TRP A 108 1.22 26.80 -12.78
CA TRP A 108 1.34 25.80 -11.73
C TRP A 108 2.12 26.33 -10.54
N ARG A 109 3.31 26.89 -10.81
CA ARG A 109 4.06 27.53 -9.73
C ARG A 109 3.30 28.71 -9.14
N GLY A 110 2.41 29.34 -9.91
CA GLY A 110 1.68 30.48 -9.38
C GLY A 110 0.67 30.09 -8.31
N ASP A 111 0.18 28.86 -8.34
CA ASP A 111 -0.88 28.46 -7.41
C ASP A 111 -0.31 28.20 -6.02
N LYS A 112 -1.07 28.60 -5.00
CA LYS A 112 -0.64 28.38 -3.63
C LYS A 112 -0.62 26.90 -3.28
N GLN A 113 -1.65 26.17 -3.70
CA GLN A 113 -1.78 24.77 -3.31
C GLN A 113 -0.92 23.86 -4.18
N LEU A 114 -0.97 24.04 -5.49
CA LEU A 114 -0.28 23.13 -6.40
C LEU A 114 1.22 23.36 -6.46
N ARG A 115 1.72 24.47 -5.94
CA ARG A 115 3.15 24.74 -5.98
C ARG A 115 3.96 23.70 -5.24
N LEU A 117 3.93 20.72 -4.30
CA LEU A 117 3.81 19.53 -5.11
C LEU A 117 5.12 19.24 -5.86
N GLU A 118 5.61 18.01 -5.70
CA GLU A 118 6.86 17.58 -6.32
C GLU A 118 6.64 16.50 -7.37
N ALA A 119 5.40 16.09 -7.61
CA ALA A 119 5.12 15.18 -8.71
C ALA A 119 5.26 15.92 -10.04
N MET A 120 5.59 15.17 -11.08
CA MET A 120 5.90 15.74 -12.38
C MET A 120 4.86 15.31 -13.41
N LEU A 121 4.78 16.11 -14.47
CA LEU A 121 3.85 15.87 -15.56
C LEU A 121 4.64 15.50 -16.81
N ILE A 122 4.10 14.56 -17.59
CA ILE A 122 4.71 14.17 -18.86
C ILE A 122 3.63 14.26 -19.95
N VAL A 123 3.96 14.96 -21.05
CA VAL A 123 3.05 15.14 -22.16
C VAL A 123 3.78 14.80 -23.45
N MET A 124 3.01 14.41 -24.46
CA MET A 124 3.61 13.92 -25.70
C MET A 124 2.57 13.95 -26.81
N ASP A 125 2.89 14.63 -27.91
CA ASP A 125 2.11 14.55 -29.14
C ASP A 125 2.93 13.82 -30.19
N LYS A 126 2.53 13.93 -31.45
CA LYS A 126 3.20 13.21 -32.53
C LYS A 126 4.61 13.72 -32.81
N ASP A 127 4.96 14.92 -32.32
CA ASP A 127 6.21 15.57 -32.68
C ASP A 127 7.19 15.74 -31.53
N ALA A 128 6.72 15.94 -30.30
CA ALA A 128 7.61 16.26 -29.19
C ALA A 128 7.17 15.54 -27.93
N ILE A 129 8.14 15.39 -27.02
CA ILE A 129 7.90 14.90 -25.66
C ILE A 129 8.37 15.98 -24.70
N LEU A 130 7.65 16.13 -23.59
CA LEU A 130 7.98 17.14 -22.60
C LEU A 130 7.74 16.58 -21.20
N VAL A 131 8.49 17.09 -20.24
CA VAL A 131 8.28 16.82 -18.82
C VAL A 131 8.15 18.15 -18.11
N VAL A 132 7.10 18.29 -17.30
CA VAL A 132 6.84 19.51 -16.55
C VAL A 132 6.83 19.16 -15.07
N SER A 133 7.68 19.84 -14.30
CA SER A 133 7.78 19.61 -12.87
C SER A 133 7.15 20.76 -12.10
N GLY A 134 6.73 20.46 -10.87
CA GLY A 134 6.23 21.51 -9.98
C GLY A 134 7.26 22.58 -9.69
N THR A 135 8.54 22.27 -9.89
CA THR A 135 9.61 23.25 -9.75
C THR A 135 9.75 24.16 -10.98
N GLY A 136 8.86 24.02 -11.96
CA GLY A 136 8.86 24.93 -13.09
C GLY A 136 9.77 24.54 -14.23
N GLU A 137 10.25 23.30 -14.25
CA GLU A 137 11.16 22.84 -15.29
C GLU A 137 10.37 22.24 -16.44
N VAL A 138 10.69 22.68 -17.65
CA VAL A 138 10.08 22.15 -18.88
C VAL A 138 11.21 21.56 -19.71
N ILE A 139 11.23 20.24 -19.84
CA ILE A 139 12.38 19.53 -20.39
C ILE A 139 11.92 18.67 -21.57
N ALA A 140 12.53 18.89 -22.72
CA ALA A 140 12.38 18.00 -23.86
C ALA A 140 13.56 17.05 -23.92
N PRO A 141 13.35 15.75 -24.10
CA PRO A 141 14.48 14.82 -24.09
C PRO A 141 15.34 15.00 -25.33
N ASP A 142 16.63 14.66 -25.17
CA ASP A 142 17.56 14.76 -26.29
C ASP A 142 17.42 13.60 -27.26
N ASP A 143 16.94 12.45 -26.79
CA ASP A 143 16.89 11.23 -27.59
C ASP A 143 15.47 10.70 -27.72
N ASP A 144 14.47 11.59 -27.64
CA ASP A 144 13.07 11.25 -27.86
C ASP A 144 12.57 10.18 -26.88
N LEU A 145 13.11 10.15 -25.67
CA LEU A 145 12.63 9.23 -24.65
C LEU A 145 12.92 9.83 -23.27
N ILE A 146 11.95 9.68 -22.36
CA ILE A 146 12.04 10.27 -21.03
C ILE A 146 11.01 9.59 -20.15
N ALA A 147 11.17 9.75 -18.83
CA ALA A 147 10.27 9.10 -17.88
C ALA A 147 10.15 9.95 -16.63
N ILE A 148 9.09 9.69 -15.86
CA ILE A 148 8.84 10.35 -14.59
C ILE A 148 8.45 9.30 -13.57
N GLY A 149 8.33 9.73 -12.32
CA GLY A 149 7.94 8.85 -11.23
C GLY A 149 9.14 8.37 -10.43
N SER A 150 8.82 7.60 -9.38
CA SER A 150 9.87 7.13 -8.47
C SER A 150 10.81 6.14 -9.18
N GLY A 151 10.33 5.42 -10.18
CA GLY A 151 11.18 4.53 -10.94
C GLY A 151 11.47 4.99 -12.35
N GLY A 152 11.27 6.29 -12.61
CA GLY A 152 11.44 6.81 -13.96
C GLY A 152 12.87 6.71 -14.46
N ASN A 153 13.85 6.97 -13.59
CA ASN A 153 15.24 6.90 -14.01
C ASN A 153 15.67 5.48 -14.34
N TYR A 154 14.95 4.47 -13.83
CA TYR A 154 15.26 3.09 -14.14
C TYR A 154 14.71 2.69 -15.50
N ALA A 155 13.48 3.10 -15.81
CA ALA A 155 12.95 2.90 -17.15
C ALA A 155 13.72 3.72 -18.18
N LEU A 156 14.15 4.93 -17.79
CA LEU A 156 14.98 5.74 -18.67
C LEU A 156 16.32 5.05 -18.95
N SER A 157 16.87 4.38 -17.93
CA SER A 157 18.14 3.68 -18.12
C SER A 157 17.99 2.50 -19.07
N ALA A 158 16.91 1.73 -18.91
CA ALA A 158 16.68 0.59 -19.80
C ALA A 158 16.28 1.05 -21.20
N GLY A 159 15.48 2.12 -21.28
CA GLY A 159 15.08 2.62 -22.59
C GLY A 159 16.25 3.09 -23.44
N ARG A 160 17.29 3.62 -22.80
CA ARG A 160 18.44 4.10 -23.56
C ARG A 160 19.31 2.94 -24.04
N ALA A 161 19.46 1.89 -23.22
CA ALA A 161 20.17 0.71 -23.68
C ALA A 161 19.40 0.01 -24.79
N LEU A 162 18.07 0.02 -24.72
CA LEU A 162 17.27 -0.60 -25.76
C LEU A 162 17.35 0.18 -27.06
N LYS A 163 17.32 1.51 -26.98
CA LYS A 163 17.35 2.31 -28.20
C LYS A 163 18.69 2.16 -28.93
N ARG A 164 19.77 1.89 -28.20
CA ARG A 164 21.09 1.76 -28.80
C ARG A 164 21.40 0.33 -29.24
N HIS A 165 20.98 -0.67 -28.46
CA HIS A 165 21.36 -2.05 -28.71
C HIS A 165 20.18 -2.96 -29.07
N ALA A 166 18.99 -2.40 -29.27
CA ALA A 166 17.82 -3.20 -29.63
C ALA A 166 16.83 -2.34 -30.41
N SER A 167 17.34 -1.59 -31.39
CA SER A 167 16.51 -0.68 -32.17
C SER A 167 15.47 -1.41 -33.02
N HIS A 168 15.55 -2.74 -33.12
CA HIS A 168 14.53 -3.50 -33.83
C HIS A 168 13.21 -3.55 -33.08
N LEU A 169 13.18 -3.13 -31.83
CA LEU A 169 11.93 -3.09 -31.07
C LEU A 169 11.10 -1.87 -31.47
N SER A 170 9.79 -2.02 -31.40
CA SER A 170 8.90 -0.90 -31.67
C SER A 170 8.86 0.03 -30.45
N ALA A 171 8.22 1.19 -30.64
CA ALA A 171 8.06 2.12 -29.53
C ALA A 171 7.23 1.49 -28.41
N GLU A 172 6.15 0.79 -28.78
CA GLU A 172 5.31 0.13 -27.77
C GLU A 172 6.06 -0.97 -27.04
N GLU A 173 6.86 -1.75 -27.78
CA GLU A 173 7.68 -2.78 -27.13
C GLU A 173 8.72 -2.14 -26.22
N MET A 174 9.37 -1.07 -26.68
CA MET A 174 10.38 -0.41 -25.87
C MET A 174 9.78 0.14 -24.58
N ALA A 175 8.62 0.80 -24.69
CA ALA A 175 7.97 1.36 -23.52
C ALA A 175 7.58 0.27 -22.52
N TYR A 176 7.14 -0.89 -23.03
CA TYR A 176 6.73 -1.96 -22.13
C TYR A 176 7.92 -2.59 -21.41
N GLU A 177 9.02 -2.82 -22.13
CA GLU A 177 10.16 -3.47 -21.50
C GLU A 177 10.85 -2.55 -20.51
N SER A 178 10.88 -1.24 -20.78
CA SER A 178 11.47 -0.29 -19.85
C SER A 178 10.68 -0.24 -18.55
N LEU A 179 9.35 -0.19 -18.63
CA LEU A 179 8.53 -0.23 -17.42
C LEU A 179 8.75 -1.52 -16.66
N LYS A 180 8.87 -2.63 -17.37
CA LYS A 180 9.05 -3.91 -16.71
C LYS A 180 10.38 -3.98 -15.99
N VAL A 181 11.42 -3.35 -16.55
CA VAL A 181 12.71 -3.28 -15.87
C VAL A 181 12.61 -2.46 -14.60
N ALA A 182 11.98 -1.28 -14.71
CA ALA A 182 11.81 -0.42 -13.54
C ALA A 182 10.92 -1.07 -12.48
N ALA A 183 9.98 -1.91 -12.91
CA ALA A 183 9.05 -2.52 -11.95
C ALA A 183 9.77 -3.51 -11.03
N ASP A 184 10.75 -4.25 -11.56
CA ASP A 184 11.49 -5.19 -10.73
C ASP A 184 12.52 -4.52 -9.84
N ILE A 185 12.71 -3.21 -9.98
CA ILE A 185 13.67 -2.47 -9.17
C ILE A 185 12.97 -1.56 -8.17
N CYS A 186 11.93 -0.85 -8.60
CA CYS A 186 11.26 0.15 -7.77
C CYS A 186 10.17 -0.50 -6.94
N VAL A 187 10.21 -0.28 -5.62
CA VAL A 187 9.20 -0.86 -4.74
C VAL A 187 7.84 -0.21 -4.92
N PHE A 188 7.78 0.97 -5.54
CA PHE A 188 6.54 1.69 -5.76
C PHE A 188 6.00 1.52 -7.17
N THR A 189 6.55 0.59 -7.95
CA THR A 189 6.16 0.37 -9.34
C THR A 189 5.92 -1.12 -9.54
N ASN A 190 4.71 -1.48 -9.96
CA ASN A 190 4.38 -2.88 -10.21
C ASN A 190 4.43 -3.16 -11.71
N ASP A 191 4.17 -4.42 -12.07
CA ASP A 191 4.25 -4.87 -13.46
C ASP A 191 2.89 -4.94 -14.15
N ASN A 192 1.88 -4.23 -13.63
CA ASN A 192 0.60 -4.11 -14.32
C ASN A 192 0.71 -2.93 -15.28
N ILE A 193 1.41 -3.16 -16.39
CA ILE A 193 1.83 -2.11 -17.30
C ILE A 193 0.84 -2.02 -18.44
N VAL A 194 0.34 -0.81 -18.68
CA VAL A 194 -0.52 -0.51 -19.82
C VAL A 194 0.25 0.41 -20.76
N VAL A 195 0.24 0.10 -22.05
CA VAL A 195 0.95 0.87 -23.06
C VAL A 195 -0.06 1.50 -24.00
N GLU A 196 0.02 2.81 -24.16
CA GLU A 196 -0.81 3.55 -25.10
C GLU A 196 0.04 4.06 -26.25
N THR A 197 -0.50 3.97 -27.46
CA THR A 197 0.16 4.47 -28.66
C THR A 197 -0.67 5.59 -29.26
N LEU A 198 0.01 6.55 -29.90
CA LEU A 198 -0.68 7.67 -30.53
C LEU A 198 -1.28 7.27 -31.86
N THR B 26 10.00 -6.78 4.43
CA THR B 26 10.25 -8.09 5.00
C THR B 26 9.08 -8.51 5.91
N THR B 27 8.69 -9.78 5.83
CA THR B 27 7.67 -10.33 6.70
C THR B 27 8.00 -11.78 7.01
N ILE B 28 8.02 -12.11 8.30
CA ILE B 28 8.24 -13.48 8.77
C ILE B 28 7.14 -13.79 9.77
N TYR B 29 6.42 -14.88 9.55
CA TYR B 29 5.24 -15.22 10.34
C TYR B 29 5.34 -16.68 10.79
N ALA B 30 5.16 -16.90 12.09
CA ALA B 30 5.21 -18.24 12.67
C ALA B 30 3.86 -18.61 13.26
N VAL B 31 3.52 -19.89 13.19
CA VAL B 31 2.23 -20.36 13.68
C VAL B 31 2.34 -21.82 14.10
N ARG B 32 1.91 -22.11 15.32
CA ARG B 32 1.76 -23.48 15.82
C ARG B 32 0.27 -23.78 15.88
N HIS B 33 -0.22 -24.61 14.97
CA HIS B 33 -1.65 -24.85 14.85
C HIS B 33 -1.91 -26.34 14.59
N ASN B 34 -2.74 -26.94 15.45
CA ASN B 34 -3.21 -28.32 15.28
C ASN B 34 -2.05 -29.31 15.25
N GLY B 35 -1.15 -29.18 16.21
CA GLY B 35 -0.03 -30.09 16.32
C GLY B 35 1.04 -29.94 15.27
N LYS B 36 1.04 -28.84 14.54
CA LYS B 36 2.06 -28.56 13.52
C LYS B 36 2.65 -27.18 13.75
N ALA B 37 3.88 -26.99 13.30
CA ALA B 37 4.57 -25.72 13.42
C ALA B 37 5.14 -25.31 12.07
N ALA B 38 5.02 -24.03 11.74
CA ALA B 38 5.50 -23.51 10.47
C ALA B 38 6.02 -22.10 10.65
N MET B 39 7.00 -21.73 9.82
CA MET B 39 7.53 -20.38 9.76
C MET B 39 7.80 -20.03 8.32
N ALA B 40 7.25 -18.92 7.85
CA ALA B 40 7.34 -18.51 6.46
C ALA B 40 7.92 -17.11 6.36
N GLY B 41 8.65 -16.86 5.27
CA GLY B 41 9.20 -15.56 5.01
C GLY B 41 9.24 -15.29 3.52
N ASP B 42 9.27 -14.00 3.18
CA ASP B 42 9.32 -13.58 1.79
C ASP B 42 10.78 -13.60 1.32
N GLY B 43 11.03 -13.02 0.15
CA GLY B 43 12.37 -13.08 -0.43
C GLY B 43 12.92 -11.75 -0.88
N GLN B 44 12.15 -10.67 -0.69
CA GLN B 44 12.55 -9.37 -1.19
C GLN B 44 13.57 -8.73 -0.24
N VAL B 45 14.64 -8.20 -0.82
CA VAL B 45 15.63 -7.42 -0.08
C VAL B 45 15.63 -6.01 -0.65
N THR B 46 15.44 -5.02 0.22
CA THR B 46 15.32 -3.63 -0.18
C THR B 46 16.44 -2.81 0.42
N LEU B 47 17.00 -1.90 -0.38
CA LEU B 47 18.04 -0.98 0.07
C LEU B 47 17.51 0.44 0.01
N GLY B 48 17.72 1.20 1.09
CA GLY B 48 17.27 2.57 1.14
C GLY B 48 15.77 2.75 1.09
N GLN B 49 15.02 1.69 1.39
CA GLN B 49 13.54 1.72 1.38
C GLN B 49 13.00 2.14 0.02
N GLN B 50 13.71 1.80 -1.06
CA GLN B 50 13.30 2.24 -2.39
C GLN B 50 13.58 1.21 -3.47
N VAL B 51 14.75 0.56 -3.42
CA VAL B 51 15.24 -0.25 -4.53
C VAL B 51 15.34 -1.71 -4.09
N ILE B 52 14.94 -2.62 -4.97
CA ILE B 52 15.01 -4.05 -4.71
C ILE B 52 16.31 -4.60 -5.29
N MET B 53 17.08 -5.30 -4.45
CA MET B 53 18.32 -5.92 -4.88
C MET B 53 18.23 -7.42 -5.05
N LYS B 54 17.29 -8.07 -4.37
CA LYS B 54 17.13 -9.51 -4.43
C LYS B 54 15.65 -9.84 -4.22
N GLN B 55 15.19 -10.88 -4.91
CA GLN B 55 13.80 -11.31 -4.82
C GLN B 55 13.61 -12.70 -4.25
N THR B 56 14.66 -13.51 -4.16
CA THR B 56 14.55 -14.90 -3.77
C THR B 56 15.38 -15.19 -2.51
N ALA B 57 15.42 -14.24 -1.58
CA ALA B 57 16.14 -14.48 -0.34
C ALA B 57 15.37 -15.46 0.53
N ARG B 58 16.12 -16.24 1.30
CA ARG B 58 15.55 -17.21 2.23
C ARG B 58 15.91 -16.77 3.64
N LYS B 59 14.93 -16.25 4.37
CA LYS B 59 15.16 -15.63 5.67
C LYS B 59 14.79 -16.54 6.83
N VAL B 60 14.29 -17.74 6.57
CA VAL B 60 13.96 -18.71 7.60
C VAL B 60 15.09 -19.72 7.66
N ARG B 61 15.83 -19.74 8.76
CA ARG B 61 16.98 -20.62 8.92
C ARG B 61 16.69 -21.65 10.02
N ARG B 62 17.16 -22.88 9.80
CA ARG B 62 16.96 -23.96 10.76
C ARG B 62 18.14 -24.03 11.73
N LEU B 63 17.83 -24.11 13.02
CA LEU B 63 18.84 -24.03 14.06
C LEU B 63 18.76 -25.24 14.99
N TYR B 64 19.85 -25.47 15.72
CA TYR B 64 19.89 -26.40 16.84
C TYR B 64 19.47 -27.81 16.42
N GLU B 65 20.29 -28.40 15.55
CA GLU B 65 20.07 -29.76 15.06
C GLU B 65 18.69 -29.91 14.44
N GLY B 66 18.23 -28.85 13.76
CA GLY B 66 16.96 -28.88 13.08
C GLY B 66 15.73 -28.81 13.97
N LYS B 67 15.91 -28.59 15.27
CA LYS B 67 14.80 -28.55 16.21
C LYS B 67 14.25 -27.14 16.44
N VAL B 68 14.83 -26.13 15.80
CA VAL B 68 14.45 -24.74 16.03
C VAL B 68 14.43 -24.00 14.70
N LEU B 69 13.39 -23.22 14.46
CA LEU B 69 13.31 -22.31 13.32
C LEU B 69 13.46 -20.88 13.83
N ALA B 70 14.26 -20.09 13.11
CA ALA B 70 14.55 -18.72 13.51
C ALA B 70 14.53 -17.80 12.30
N GLY B 71 14.20 -16.54 12.54
CA GLY B 71 14.20 -15.54 11.49
C GLY B 71 14.51 -14.18 12.05
N PHE B 72 15.15 -13.35 11.23
CA PHE B 72 15.57 -12.01 11.63
C PHE B 72 15.15 -11.01 10.56
N ALA B 73 14.53 -9.92 11.00
CA ALA B 73 14.00 -8.92 10.07
C ALA B 73 15.04 -7.93 9.58
N GLY B 74 16.28 -8.03 10.06
CA GLY B 74 17.34 -7.10 9.70
C GLY B 74 18.28 -7.66 8.64
N SER B 75 19.54 -7.25 8.73
CA SER B 75 20.52 -7.59 7.72
C SER B 75 21.10 -8.99 7.95
N VAL B 76 21.78 -9.50 6.93
CA VAL B 76 22.31 -10.85 6.97
C VAL B 76 23.40 -10.97 8.03
N ALA B 77 24.29 -9.98 8.10
CA ALA B 77 25.38 -10.03 9.07
C ALA B 77 24.84 -10.10 10.49
N ASP B 78 23.85 -9.27 10.81
CA ASP B 78 23.28 -9.30 12.17
C ASP B 78 22.47 -10.56 12.40
N ALA B 79 21.81 -11.07 11.36
CA ALA B 79 21.05 -12.31 11.50
C ALA B 79 21.96 -13.47 11.90
N PHE B 80 23.09 -13.62 11.21
CA PHE B 80 24.02 -14.70 11.56
C PHE B 80 24.60 -14.49 12.95
N THR B 81 25.00 -13.26 13.28
CA THR B 81 25.57 -12.99 14.60
C THR B 81 24.62 -13.43 15.70
N LEU B 82 23.33 -13.07 15.58
CA LEU B 82 22.37 -13.44 16.60
C LEU B 82 22.01 -14.92 16.54
N PHE B 83 22.02 -15.51 15.34
CA PHE B 83 21.72 -16.94 15.22
C PHE B 83 22.75 -17.78 15.95
N GLU B 84 24.04 -17.48 15.76
CA GLU B 84 25.08 -18.26 16.43
C GLU B 84 25.04 -18.06 17.94
N LYS B 85 24.78 -16.83 18.40
CA LYS B 85 24.70 -16.59 19.83
C LYS B 85 23.50 -17.31 20.44
N PHE B 86 22.37 -17.32 19.74
CA PHE B 86 21.20 -18.04 20.24
C PHE B 86 21.43 -19.54 20.22
N GLU B 87 22.11 -20.04 19.19
CA GLU B 87 22.43 -21.47 19.13
C GLU B 87 23.34 -21.87 20.28
N THR B 88 24.29 -21.00 20.63
CA THR B 88 25.15 -21.25 21.78
C THR B 88 24.32 -21.44 23.05
N LYS B 89 23.42 -20.50 23.33
CA LYS B 89 22.64 -20.56 24.55
C LYS B 89 21.58 -21.65 24.52
N LEU B 90 21.27 -22.20 23.35
CA LEU B 90 20.38 -23.36 23.30
C LEU B 90 21.11 -24.62 23.79
N GLN B 91 22.39 -24.76 23.43
CA GLN B 91 23.21 -25.81 24.03
C GLN B 91 23.43 -25.55 25.51
N GLN B 92 23.61 -24.27 25.87
CA GLN B 92 23.90 -23.87 27.24
C GLN B 92 22.75 -24.13 28.20
N PHE B 93 21.52 -24.21 27.70
CA PHE B 93 20.34 -24.30 28.55
C PHE B 93 19.47 -25.50 28.23
N SER B 94 20.08 -26.58 27.74
CA SER B 94 19.38 -27.83 27.46
C SER B 94 18.22 -27.62 26.50
N GLY B 95 18.39 -26.71 25.54
CA GLY B 95 17.35 -26.45 24.57
C GLY B 95 16.12 -25.76 25.12
N ASN B 96 16.27 -24.97 26.19
CA ASN B 96 15.16 -24.23 26.75
C ASN B 96 15.02 -22.92 25.98
N LEU B 97 14.00 -22.83 25.13
CA LEU B 97 13.84 -21.67 24.26
C LEU B 97 13.65 -20.40 25.07
N GLU B 98 12.75 -20.45 26.06
CA GLU B 98 12.37 -19.23 26.77
C GLU B 98 13.53 -18.63 27.52
N ARG B 99 14.33 -19.46 28.20
CA ARG B 99 15.44 -18.92 28.96
C ARG B 99 16.61 -18.55 28.05
N ALA B 100 16.86 -19.32 26.99
CA ALA B 100 17.88 -18.92 26.03
C ALA B 100 17.52 -17.60 25.36
N ALA B 101 16.23 -17.38 25.10
CA ALA B 101 15.80 -16.13 24.47
C ALA B 101 16.02 -14.95 25.40
N VAL B 102 15.73 -15.12 26.70
CA VAL B 102 15.81 -13.99 27.62
C VAL B 102 17.26 -13.54 27.82
N GLU B 103 18.17 -14.49 28.01
CA GLU B 103 19.56 -14.09 28.22
C GLU B 103 20.22 -13.61 26.93
N LEU B 104 19.75 -14.10 25.78
CA LEU B 104 20.17 -13.49 24.53
C LEU B 104 19.68 -12.05 24.44
N ALA B 105 18.51 -11.77 25.00
CA ALA B 105 17.94 -10.43 24.93
C ALA B 105 18.74 -9.44 25.78
N GLN B 106 19.18 -9.86 26.97
CA GLN B 106 19.96 -8.95 27.80
C GLN B 106 21.40 -8.81 27.32
N GLU B 107 21.94 -9.80 26.60
CA GLU B 107 23.25 -9.62 25.98
C GLU B 107 23.14 -8.74 24.74
N TRP B 108 22.09 -8.97 23.93
CA TRP B 108 21.82 -8.11 22.78
C TRP B 108 21.75 -6.64 23.21
N ARG B 109 20.95 -6.34 24.23
CA ARG B 109 20.88 -4.98 24.74
C ARG B 109 22.20 -4.54 25.35
N GLY B 110 22.98 -5.47 25.92
CA GLY B 110 24.24 -5.11 26.53
C GLY B 110 25.34 -4.78 25.56
N ASP B 111 25.20 -5.19 24.30
CA ASP B 111 26.21 -4.90 23.29
C ASP B 111 25.97 -3.50 22.72
N LYS B 112 27.01 -2.67 22.74
CA LYS B 112 26.92 -1.34 22.14
C LYS B 112 26.68 -1.40 20.64
N GLN B 113 26.96 -2.53 19.99
CA GLN B 113 26.71 -2.70 18.57
C GLN B 113 25.23 -2.85 18.30
N LEU B 114 24.72 -4.03 18.62
CA LEU B 114 23.40 -4.47 18.24
C LEU B 114 22.30 -3.79 19.03
N ARG B 115 22.63 -2.95 20.02
CA ARG B 115 21.60 -2.20 20.72
C ARG B 115 20.84 -1.27 19.79
N GLN B 116 21.50 -0.75 18.75
CA GLN B 116 20.89 0.20 17.84
C GLN B 116 20.04 -0.46 16.76
N LEU B 117 19.95 -1.79 16.74
CA LEU B 117 19.18 -2.49 15.74
C LEU B 117 17.69 -2.32 15.99
N GLU B 118 16.97 -1.89 14.95
CA GLU B 118 15.52 -1.74 15.04
C GLU B 118 14.77 -3.01 14.65
N ALA B 119 15.46 -3.99 14.06
CA ALA B 119 14.81 -5.22 13.67
C ALA B 119 14.63 -6.13 14.88
N MET B 120 13.78 -7.15 14.70
CA MET B 120 13.47 -8.09 15.75
C MET B 120 13.80 -9.50 15.30
N LEU B 121 13.89 -10.40 16.28
CA LEU B 121 14.21 -11.80 16.05
C LEU B 121 13.02 -12.66 16.46
N ILE B 122 12.77 -13.72 15.69
CA ILE B 122 11.67 -14.64 15.97
C ILE B 122 12.24 -16.06 16.01
N VAL B 123 11.83 -16.83 17.01
CA VAL B 123 12.31 -18.19 17.19
C VAL B 123 11.13 -19.07 17.60
N MET B 124 11.22 -20.35 17.24
CA MET B 124 10.18 -21.30 17.59
C MET B 124 10.77 -22.70 17.65
N ASP B 125 10.17 -23.55 18.47
CA ASP B 125 10.46 -24.98 18.47
C ASP B 125 9.13 -25.70 18.38
N LYS B 126 9.10 -26.96 18.81
CA LYS B 126 7.89 -27.75 18.71
C LYS B 126 6.83 -27.31 19.72
N ASP B 127 7.19 -26.52 20.72
CA ASP B 127 6.29 -26.21 21.82
C ASP B 127 6.06 -24.72 22.07
N ALA B 128 6.90 -23.84 21.54
CA ALA B 128 6.79 -22.43 21.88
C ALA B 128 7.21 -21.56 20.70
N ILE B 129 6.66 -20.36 20.67
CA ILE B 129 7.07 -19.31 19.73
C ILE B 129 7.47 -18.09 20.55
N LEU B 130 8.56 -17.44 20.14
CA LEU B 130 9.08 -16.30 20.86
C LEU B 130 9.58 -15.24 19.90
N VAL B 131 9.41 -13.97 20.28
CA VAL B 131 9.93 -12.83 19.55
C VAL B 131 10.85 -12.06 20.48
N VAL B 132 12.06 -11.77 20.01
CA VAL B 132 13.03 -10.99 20.75
C VAL B 132 13.33 -9.72 19.97
N SER B 133 13.49 -8.61 20.69
CA SER B 133 13.61 -7.30 20.06
C SER B 133 14.88 -6.62 20.53
N GLY B 134 15.24 -5.55 19.82
CA GLY B 134 16.26 -4.64 20.31
C GLY B 134 15.81 -3.84 21.52
N THR B 135 14.51 -3.77 21.76
CA THR B 135 13.98 -3.12 22.96
C THR B 135 14.25 -3.93 24.22
N GLY B 136 14.71 -5.17 24.08
CA GLY B 136 14.80 -6.08 25.21
C GLY B 136 13.55 -6.89 25.46
N GLU B 137 12.65 -6.94 24.49
CA GLU B 137 11.36 -7.59 24.63
C GLU B 137 11.47 -9.09 24.36
N VAL B 138 10.70 -9.87 25.11
CA VAL B 138 10.48 -11.28 24.84
C VAL B 138 9.00 -11.54 24.99
N ILE B 139 8.33 -11.94 23.91
CA ILE B 139 6.88 -12.08 23.90
C ILE B 139 6.52 -13.49 23.44
N ALA B 140 5.73 -14.19 24.24
CA ALA B 140 5.09 -15.43 23.81
C ALA B 140 3.67 -15.10 23.37
N PRO B 141 3.29 -15.40 22.13
CA PRO B 141 1.96 -15.02 21.67
C PRO B 141 0.87 -15.78 22.42
N ASP B 142 -0.24 -15.08 22.69
CA ASP B 142 -1.36 -15.69 23.41
C ASP B 142 -2.04 -16.79 22.60
N ASP B 143 -1.94 -16.75 21.27
CA ASP B 143 -2.62 -17.71 20.41
C ASP B 143 -1.65 -18.49 19.52
N ASP B 144 -0.40 -18.62 19.94
CA ASP B 144 0.59 -19.44 19.24
C ASP B 144 0.78 -19.00 17.79
N LEU B 145 0.73 -17.69 17.56
CA LEU B 145 1.01 -17.15 16.23
C LEU B 145 1.45 -15.70 16.38
N ILE B 146 2.45 -15.32 15.57
CA ILE B 146 3.06 -14.00 15.67
C ILE B 146 3.88 -13.77 14.42
N ALA B 147 4.24 -12.51 14.16
CA ALA B 147 4.99 -12.17 12.96
C ALA B 147 5.90 -11.00 13.27
N ILE B 148 6.91 -10.80 12.39
CA ILE B 148 7.85 -9.69 12.49
C ILE B 148 8.08 -9.14 11.09
N GLY B 149 8.70 -7.97 11.04
CA GLY B 149 9.09 -7.34 9.80
C GLY B 149 8.16 -6.22 9.40
N SER B 150 8.40 -5.69 8.20
CA SER B 150 7.65 -4.54 7.71
C SER B 150 6.15 -4.82 7.65
N GLY B 151 5.79 -5.99 7.12
CA GLY B 151 4.38 -6.35 6.99
C GLY B 151 3.95 -7.44 7.94
N GLY B 152 4.65 -7.57 9.08
CA GLY B 152 4.29 -8.60 10.04
C GLY B 152 2.90 -8.41 10.61
N ASN B 153 2.49 -7.17 10.85
CA ASN B 153 1.17 -6.91 11.40
C ASN B 153 0.08 -7.25 10.40
N TYR B 154 0.38 -7.20 9.10
CA TYR B 154 -0.60 -7.60 8.11
C TYR B 154 -0.72 -9.12 8.04
N ALA B 155 0.40 -9.83 8.11
CA ALA B 155 0.34 -11.29 8.17
C ALA B 155 -0.26 -11.75 9.49
N LEU B 156 -0.02 -10.99 10.57
CA LEU B 156 -0.62 -11.33 11.86
C LEU B 156 -2.14 -11.23 11.80
N SER B 157 -2.66 -10.16 11.19
CA SER B 157 -4.11 -10.01 11.06
C SER B 157 -4.70 -11.13 10.21
N ALA B 158 -4.05 -11.46 9.10
CA ALA B 158 -4.52 -12.55 8.26
C ALA B 158 -4.48 -13.87 9.01
N GLY B 159 -3.41 -14.11 9.78
CA GLY B 159 -3.30 -15.35 10.52
C GLY B 159 -4.36 -15.49 11.59
N ARG B 160 -4.69 -14.39 12.28
CA ARG B 160 -5.72 -14.47 13.32
C ARG B 160 -7.09 -14.69 12.72
N ALA B 161 -7.39 -14.06 11.58
CA ALA B 161 -8.66 -14.31 10.92
C ALA B 161 -8.75 -15.76 10.45
N LEU B 162 -7.65 -16.30 9.91
CA LEU B 162 -7.66 -17.69 9.46
C LEU B 162 -7.73 -18.65 10.64
N LYS B 163 -7.11 -18.29 11.78
CA LYS B 163 -7.17 -19.16 12.95
C LYS B 163 -8.59 -19.29 13.48
N ARG B 164 -9.41 -18.26 13.32
CA ARG B 164 -10.75 -18.25 13.88
C ARG B 164 -11.80 -18.79 12.92
N HIS B 165 -11.71 -18.46 11.63
CA HIS B 165 -12.74 -18.82 10.67
C HIS B 165 -12.27 -19.80 9.60
N ALA B 166 -11.03 -20.26 9.64
CA ALA B 166 -10.52 -21.24 8.69
C ALA B 166 -9.58 -22.20 9.40
N SER B 167 -10.00 -22.71 10.56
CA SER B 167 -9.17 -23.58 11.38
C SER B 167 -8.88 -24.93 10.71
N HIS B 168 -9.54 -25.24 9.59
CA HIS B 168 -9.25 -26.48 8.89
C HIS B 168 -7.92 -26.44 8.16
N LEU B 169 -7.38 -25.24 7.89
CA LEU B 169 -6.10 -25.14 7.21
C LEU B 169 -4.98 -25.61 8.11
N SER B 170 -3.95 -26.21 7.51
CA SER B 170 -2.81 -26.62 8.30
C SER B 170 -1.97 -25.39 8.68
N ALA B 171 -0.98 -25.62 9.55
CA ALA B 171 -0.07 -24.54 9.90
C ALA B 171 0.74 -24.10 8.69
N GLU B 172 1.04 -25.02 7.77
CA GLU B 172 1.82 -24.68 6.58
C GLU B 172 1.01 -23.80 5.63
N GLU B 173 -0.27 -24.13 5.41
CA GLU B 173 -1.10 -23.27 4.57
C GLU B 173 -1.38 -21.93 5.23
N MET B 174 -1.57 -21.92 6.55
CA MET B 174 -1.84 -20.68 7.26
C MET B 174 -0.68 -19.70 7.11
N ALA B 175 0.54 -20.16 7.43
CA ALA B 175 1.71 -19.30 7.31
C ALA B 175 1.93 -18.82 5.89
N TYR B 176 1.66 -19.70 4.91
CA TYR B 176 1.82 -19.31 3.51
C TYR B 176 0.76 -18.29 3.11
N GLU B 177 -0.51 -18.55 3.45
CA GLU B 177 -1.57 -17.62 3.08
C GLU B 177 -1.44 -16.29 3.80
N SER B 178 -0.98 -16.30 5.05
CA SER B 178 -0.79 -15.05 5.77
C SER B 178 0.27 -14.18 5.11
N LEU B 179 1.32 -14.79 4.57
CA LEU B 179 2.39 -14.03 3.94
C LEU B 179 1.93 -13.39 2.64
N LYS B 180 1.08 -14.09 1.87
CA LYS B 180 0.61 -13.53 0.61
C LYS B 180 -0.30 -12.34 0.83
N VAL B 181 -1.09 -12.35 1.90
CA VAL B 181 -1.90 -11.17 2.24
C VAL B 181 -0.98 -10.00 2.54
N ALA B 182 0.06 -10.23 3.35
CA ALA B 182 1.02 -9.17 3.65
C ALA B 182 1.75 -8.70 2.40
N ALA B 183 2.06 -9.63 1.49
CA ALA B 183 2.80 -9.27 0.28
C ALA B 183 2.00 -8.34 -0.61
N ASP B 184 0.67 -8.46 -0.60
CA ASP B 184 -0.18 -7.63 -1.45
C ASP B 184 -0.45 -6.25 -0.84
N ILE B 185 0.03 -5.99 0.37
CA ILE B 185 -0.14 -4.70 1.02
C ILE B 185 1.20 -4.01 1.25
N CYS B 186 2.18 -4.74 1.75
CA CYS B 186 3.49 -4.19 2.06
C CYS B 186 4.36 -4.07 0.81
N VAL B 187 4.89 -2.87 0.57
CA VAL B 187 5.77 -2.66 -0.57
C VAL B 187 7.15 -3.28 -0.37
N PHE B 188 7.48 -3.71 0.85
CA PHE B 188 8.78 -4.32 1.15
C PHE B 188 8.69 -5.83 1.31
N THR B 189 7.61 -6.45 0.81
CA THR B 189 7.36 -7.88 0.95
C THR B 189 6.81 -8.41 -0.36
N ASN B 190 7.45 -9.44 -0.90
CA ASN B 190 7.04 -10.03 -2.18
C ASN B 190 6.43 -11.42 -1.95
N ASP B 191 6.07 -12.07 -3.06
CA ASP B 191 5.36 -13.35 -3.01
C ASP B 191 6.29 -14.56 -3.09
N ASN B 192 7.61 -14.35 -3.09
CA ASN B 192 8.57 -15.46 -3.09
C ASN B 192 8.69 -16.00 -1.67
N ILE B 193 7.68 -16.75 -1.27
CA ILE B 193 7.51 -17.17 0.12
C ILE B 193 8.02 -18.60 0.26
N VAL B 194 8.85 -18.83 1.29
CA VAL B 194 9.41 -20.14 1.60
C VAL B 194 8.89 -20.55 2.98
N VAL B 195 8.13 -21.63 3.02
CA VAL B 195 7.53 -22.12 4.27
C VAL B 195 8.37 -23.28 4.77
N GLU B 196 8.99 -23.11 5.93
CA GLU B 196 9.74 -24.17 6.58
C GLU B 196 8.91 -24.73 7.72
N THR B 197 8.56 -26.00 7.62
CA THR B 197 7.77 -26.68 8.65
C THR B 197 8.71 -27.42 9.60
N LEU B 198 8.24 -27.62 10.83
CA LEU B 198 9.03 -28.33 11.82
C LEU B 198 8.65 -29.81 11.86
N THR C 26 -8.85 4.68 15.24
CA THR C 26 -10.03 4.63 14.40
C THR C 26 -9.85 3.65 13.25
N THR C 27 -10.86 2.82 13.02
CA THR C 27 -10.85 1.87 11.90
C THR C 27 -12.25 1.77 11.34
N ILE C 28 -12.40 2.10 10.06
CA ILE C 28 -13.66 1.93 9.34
C ILE C 28 -13.38 1.04 8.14
N TYR C 29 -14.28 0.09 7.89
CA TYR C 29 -14.05 -0.94 6.88
C TYR C 29 -15.35 -1.21 6.12
N ALA C 30 -15.26 -1.19 4.80
CA ALA C 30 -16.40 -1.46 3.93
C ALA C 30 -16.12 -2.68 3.07
N VAL C 31 -17.12 -3.55 2.93
CA VAL C 31 -16.99 -4.77 2.14
C VAL C 31 -18.31 -5.04 1.43
N ARG C 32 -18.23 -5.37 0.15
CA ARG C 32 -19.37 -5.82 -0.64
C ARG C 32 -19.19 -7.30 -0.93
N HIS C 33 -20.08 -8.13 -0.41
CA HIS C 33 -19.93 -9.57 -0.52
C HIS C 33 -21.29 -10.23 -0.64
N ASN C 34 -21.45 -11.07 -1.66
CA ASN C 34 -22.62 -11.95 -1.80
C ASN C 34 -23.91 -11.14 -1.90
N GLY C 35 -23.86 -10.02 -2.61
CA GLY C 35 -25.05 -9.21 -2.83
C GLY C 35 -25.43 -8.30 -1.69
N LYS C 36 -24.62 -8.18 -0.65
CA LYS C 36 -24.87 -7.28 0.46
C LYS C 36 -23.66 -6.37 0.67
N ALA C 37 -23.95 -5.15 1.15
CA ALA C 37 -22.91 -4.16 1.45
C ALA C 37 -22.96 -3.82 2.93
N ALA C 38 -21.80 -3.79 3.57
CA ALA C 38 -21.71 -3.51 4.99
C ALA C 38 -20.49 -2.65 5.28
N MET C 39 -20.66 -1.69 6.20
CA MET C 39 -19.58 -0.81 6.63
C MET C 39 -19.54 -0.81 8.15
N ALA C 40 -18.39 -1.16 8.72
CA ALA C 40 -18.22 -1.22 10.16
C ALA C 40 -17.24 -0.17 10.64
N GLY C 41 -17.37 0.20 11.90
CA GLY C 41 -16.46 1.14 12.53
C GLY C 41 -16.47 0.93 14.02
N ASP C 42 -15.39 1.38 14.66
CA ASP C 42 -15.23 1.25 16.10
C ASP C 42 -15.75 2.52 16.78
N GLY C 43 -15.49 2.66 18.07
CA GLY C 43 -16.04 3.78 18.81
C GLY C 43 -15.04 4.56 19.65
N GLN C 44 -13.75 4.26 19.49
CA GLN C 44 -12.73 4.93 20.29
C GLN C 44 -12.37 6.29 19.70
N VAL C 45 -12.33 7.30 20.57
CA VAL C 45 -11.87 8.64 20.22
C VAL C 45 -10.64 8.94 21.06
N THR C 46 -9.53 9.23 20.40
CA THR C 46 -8.25 9.42 21.07
C THR C 46 -7.74 10.83 20.82
N LEU C 47 -7.19 11.45 21.87
CA LEU C 47 -6.60 12.77 21.78
C LEU C 47 -5.13 12.70 22.17
N GLY C 48 -4.30 13.44 21.44
CA GLY C 48 -2.88 13.44 21.71
C GLY C 48 -2.20 12.10 21.52
N GLN C 49 -2.83 11.18 20.78
CA GLN C 49 -2.29 9.84 20.52
C GLN C 49 -1.99 9.06 21.80
N GLN C 50 -2.62 9.43 22.92
CA GLN C 50 -2.31 8.80 24.20
C GLN C 50 -3.52 8.57 25.10
N VAL C 51 -4.56 9.39 25.04
CA VAL C 51 -5.64 9.37 26.01
C VAL C 51 -6.95 9.11 25.30
N ILE C 52 -7.80 8.28 25.91
CA ILE C 52 -9.13 7.95 25.39
C ILE C 52 -10.15 8.86 26.06
N MET C 53 -11.05 9.44 25.26
CA MET C 53 -12.11 10.29 25.77
C MET C 53 -13.51 9.74 25.53
N LYS C 54 -13.68 8.83 24.58
CA LYS C 54 -14.98 8.24 24.29
C LYS C 54 -14.75 6.83 23.75
N GLN C 55 -15.63 5.90 24.14
CA GLN C 55 -15.52 4.52 23.70
C GLN C 55 -16.68 4.05 22.83
N THR C 56 -17.71 4.87 22.63
CA THR C 56 -18.93 4.43 21.97
C THR C 56 -19.36 5.38 20.86
N ALA C 57 -18.39 5.99 20.17
CA ALA C 57 -18.73 6.89 19.07
C ALA C 57 -19.30 6.11 17.88
N ARG C 58 -20.07 6.81 17.07
CA ARG C 58 -20.69 6.24 15.87
C ARG C 58 -20.06 6.94 14.66
N LYS C 59 -19.16 6.23 13.99
CA LYS C 59 -18.37 6.81 12.92
C LYS C 59 -18.91 6.51 11.52
N VAL C 60 -19.86 5.58 11.41
CA VAL C 60 -20.45 5.19 10.13
C VAL C 60 -21.81 5.89 10.02
N ARG C 61 -21.94 6.78 9.05
CA ARG C 61 -23.15 7.57 8.86
C ARG C 61 -23.82 7.22 7.54
N ARG C 62 -25.14 7.35 7.51
CA ARG C 62 -25.93 7.14 6.29
C ARG C 62 -26.17 8.48 5.60
N LEU C 63 -25.88 8.54 4.31
CA LEU C 63 -26.02 9.74 3.51
C LEU C 63 -26.95 9.48 2.33
N TYR C 64 -27.35 10.58 1.68
CA TYR C 64 -28.12 10.55 0.43
C TYR C 64 -29.38 9.69 0.57
N GLU C 65 -30.16 9.98 1.62
CA GLU C 65 -31.43 9.32 1.87
C GLU C 65 -31.26 7.81 1.99
N GLY C 66 -30.26 7.39 2.76
CA GLY C 66 -30.06 5.99 3.05
C GLY C 66 -29.43 5.17 1.94
N LYS C 67 -29.02 5.80 0.84
CA LYS C 67 -28.40 5.08 -0.26
C LYS C 67 -26.88 5.09 -0.21
N VAL C 68 -26.28 5.91 0.65
CA VAL C 68 -24.83 6.04 0.74
C VAL C 68 -24.40 5.83 2.19
N LEU C 69 -23.43 4.95 2.41
CA LEU C 69 -22.81 4.75 3.72
C LEU C 69 -21.45 5.41 3.70
N ALA C 70 -21.23 6.35 4.62
CA ALA C 70 -19.99 7.12 4.66
C ALA C 70 -19.41 7.12 6.07
N GLY C 71 -18.08 7.18 6.13
CA GLY C 71 -17.37 7.30 7.38
C GLY C 71 -16.14 8.14 7.18
N PHE C 72 -15.61 8.66 8.27
CA PHE C 72 -14.52 9.63 8.19
C PHE C 72 -13.51 9.37 9.31
N ALA C 73 -12.29 9.04 8.93
CA ALA C 73 -11.17 9.02 9.86
C ALA C 73 -10.72 10.46 10.08
N GLY C 74 -11.02 10.99 11.24
CA GLY C 74 -10.78 12.40 11.53
C GLY C 74 -11.74 12.88 12.60
N SER C 75 -11.96 14.18 12.61
CA SER C 75 -12.78 14.80 13.64
C SER C 75 -14.24 14.93 13.20
N VAL C 76 -15.10 15.29 14.14
CA VAL C 76 -16.53 15.36 13.89
C VAL C 76 -16.86 16.53 12.96
N ALA C 77 -16.34 17.72 13.29
CA ALA C 77 -16.66 18.91 12.49
C ALA C 77 -16.14 18.76 11.06
N ASP C 78 -14.98 18.14 10.89
CA ASP C 78 -14.47 17.89 9.55
C ASP C 78 -15.30 16.82 8.83
N ALA C 79 -15.79 15.83 9.57
CA ALA C 79 -16.65 14.82 8.97
C ALA C 79 -17.94 15.44 8.45
N PHE C 80 -18.61 16.24 9.27
CA PHE C 80 -19.88 16.84 8.86
C PHE C 80 -19.68 17.82 7.72
N THR C 81 -18.57 18.54 7.70
CA THR C 81 -18.28 19.45 6.60
C THR C 81 -18.12 18.68 5.30
N LEU C 82 -17.28 17.64 5.31
CA LEU C 82 -17.07 16.86 4.09
C LEU C 82 -18.31 16.03 3.73
N PHE C 83 -19.10 15.63 4.72
CA PHE C 83 -20.35 14.94 4.43
C PHE C 83 -21.31 15.83 3.66
N GLU C 84 -21.41 17.11 4.07
CA GLU C 84 -22.35 18.02 3.42
C GLU C 84 -21.90 18.34 1.99
N LYS C 85 -20.60 18.62 1.80
CA LYS C 85 -20.10 18.90 0.46
C LYS C 85 -20.27 17.71 -0.47
N PHE C 86 -20.21 16.48 0.07
CA PHE C 86 -20.32 15.30 -0.76
C PHE C 86 -21.77 15.06 -1.18
N GLU C 87 -22.71 15.19 -0.25
CA GLU C 87 -24.12 15.07 -0.59
C GLU C 87 -24.53 16.12 -1.61
N THR C 88 -24.04 17.35 -1.43
CA THR C 88 -24.25 18.39 -2.44
C THR C 88 -23.68 17.97 -3.79
N LYS C 89 -22.50 17.34 -3.78
CA LYS C 89 -21.91 16.86 -5.03
C LYS C 89 -22.74 15.76 -5.67
N LEU C 90 -23.41 14.94 -4.85
CA LEU C 90 -24.21 13.85 -5.38
C LEU C 90 -25.47 14.37 -6.07
N GLN C 91 -26.15 15.32 -5.44
CA GLN C 91 -27.34 15.92 -6.06
C GLN C 91 -26.99 16.62 -7.36
N GLN C 92 -25.80 17.22 -7.44
CA GLN C 92 -25.39 17.94 -8.64
C GLN C 92 -24.92 16.99 -9.74
N PHE C 93 -24.40 15.81 -9.38
CA PHE C 93 -23.90 14.86 -10.35
C PHE C 93 -24.84 13.67 -10.56
N SER C 94 -26.08 13.77 -10.10
CA SER C 94 -27.10 12.73 -10.31
C SER C 94 -26.67 11.39 -9.72
N GLY C 95 -26.32 11.41 -8.43
CA GLY C 95 -26.00 10.20 -7.71
C GLY C 95 -24.75 9.47 -8.17
N ASN C 96 -23.95 10.07 -9.05
CA ASN C 96 -22.72 9.45 -9.52
C ASN C 96 -21.67 9.52 -8.42
N LEU C 97 -21.43 8.38 -7.77
CA LEU C 97 -20.46 8.36 -6.67
C LEU C 97 -19.05 8.66 -7.16
N GLU C 98 -18.66 8.10 -8.29
CA GLU C 98 -17.28 8.26 -8.77
C GLU C 98 -17.00 9.70 -9.18
N ARG C 99 -17.91 10.33 -9.91
CA ARG C 99 -17.68 11.70 -10.35
C ARG C 99 -17.81 12.69 -9.19
N ALA C 100 -18.67 12.39 -8.22
CA ALA C 100 -18.77 13.27 -7.05
C ALA C 100 -17.54 13.15 -6.16
N ALA C 101 -16.97 11.95 -6.05
CA ALA C 101 -15.79 11.76 -5.19
C ALA C 101 -14.58 12.50 -5.75
N VAL C 102 -14.40 12.48 -7.07
CA VAL C 102 -13.26 13.16 -7.66
C VAL C 102 -13.41 14.67 -7.54
N GLU C 103 -14.61 15.19 -7.81
CA GLU C 103 -14.85 16.63 -7.70
C GLU C 103 -14.69 17.10 -6.25
N LEU C 104 -15.15 16.30 -5.30
CA LEU C 104 -14.93 16.63 -3.90
C LEU C 104 -13.44 16.61 -3.56
N ALA C 105 -12.70 15.66 -4.13
CA ALA C 105 -11.26 15.57 -3.86
C ALA C 105 -10.54 16.82 -4.36
N GLN C 106 -10.87 17.29 -5.57
CA GLN C 106 -10.25 18.50 -6.08
C GLN C 106 -10.66 19.72 -5.27
N GLU C 107 -11.93 19.78 -4.84
CA GLU C 107 -12.37 20.86 -3.97
C GLU C 107 -11.66 20.79 -2.62
N TRP C 108 -11.43 19.58 -2.11
CA TRP C 108 -10.79 19.41 -0.82
C TRP C 108 -9.33 19.90 -0.86
N ARG C 109 -8.62 19.61 -1.94
CA ARG C 109 -7.21 20.01 -2.03
C ARG C 109 -7.06 21.52 -2.14
N GLY C 110 -7.99 22.19 -2.83
CA GLY C 110 -7.87 23.63 -3.01
C GLY C 110 -8.14 24.43 -1.75
N ASP C 111 -9.14 24.01 -0.98
CA ASP C 111 -9.48 24.70 0.26
C ASP C 111 -8.34 24.56 1.27
N LYS C 112 -7.67 25.67 1.56
CA LYS C 112 -6.54 25.64 2.48
C LYS C 112 -6.97 25.45 3.93
N GLN C 113 -8.23 25.75 4.24
CA GLN C 113 -8.72 25.56 5.61
C GLN C 113 -9.19 24.13 5.85
N LEU C 114 -9.69 23.45 4.82
CA LEU C 114 -10.21 22.09 4.95
C LEU C 114 -9.19 21.03 4.55
N ARG C 115 -7.99 21.42 4.11
CA ARG C 115 -7.01 20.50 3.56
C ARG C 115 -6.37 19.70 4.68
N GLN C 116 -6.64 18.40 4.72
CA GLN C 116 -6.05 17.49 5.71
C GLN C 116 -5.41 16.33 4.96
N LEU C 117 -4.09 16.38 4.78
CA LEU C 117 -3.37 15.24 4.22
C LEU C 117 -3.60 13.97 5.04
N GLU C 118 -3.86 14.13 6.35
CA GLU C 118 -4.01 12.98 7.22
C GLU C 118 -5.37 12.31 7.03
N ALA C 119 -6.43 13.10 6.95
CA ALA C 119 -7.78 12.57 6.98
C ALA C 119 -8.10 11.82 5.69
N MET C 120 -9.00 10.85 5.80
CA MET C 120 -9.47 10.08 4.66
C MET C 120 -10.96 9.83 4.81
N LEU C 121 -11.63 9.67 3.67
CA LEU C 121 -13.07 9.53 3.61
C LEU C 121 -13.43 8.22 2.91
N ILE C 122 -14.40 7.50 3.47
CA ILE C 122 -14.88 6.24 2.89
C ILE C 122 -16.36 6.42 2.54
N VAL C 123 -16.73 6.04 1.32
CA VAL C 123 -18.11 6.11 0.85
C VAL C 123 -18.44 4.81 0.15
N MET C 124 -19.73 4.48 0.14
CA MET C 124 -20.16 3.20 -0.44
C MET C 124 -21.65 3.25 -0.73
N ASP C 125 -22.03 2.85 -1.93
CA ASP C 125 -23.42 2.60 -2.28
C ASP C 125 -23.57 1.13 -2.65
N LYS C 126 -24.72 0.77 -3.22
CA LYS C 126 -24.98 -0.62 -3.58
C LYS C 126 -24.14 -1.10 -4.76
N ASP C 127 -23.35 -0.22 -5.38
CA ASP C 127 -22.57 -0.58 -6.56
C ASP C 127 -21.07 -0.48 -6.36
N ALA C 128 -20.58 0.59 -5.73
CA ALA C 128 -19.15 0.85 -5.69
C ALA C 128 -18.72 1.25 -4.28
N ILE C 129 -17.41 1.15 -4.05
CA ILE C 129 -16.75 1.62 -2.85
C ILE C 129 -15.63 2.57 -3.27
N LEU C 130 -15.44 3.63 -2.49
CA LEU C 130 -14.42 4.62 -2.82
C LEU C 130 -13.78 5.17 -1.56
N VAL C 131 -12.51 5.56 -1.68
CA VAL C 131 -11.77 6.21 -0.61
C VAL C 131 -11.20 7.51 -1.18
N VAL C 132 -11.43 8.60 -0.47
CA VAL C 132 -10.94 9.92 -0.88
C VAL C 132 -9.85 10.34 0.09
N SER C 133 -8.64 10.51 -0.42
CA SER C 133 -7.49 10.88 0.40
C SER C 133 -7.37 12.40 0.50
N GLY C 134 -6.89 12.87 1.64
CA GLY C 134 -6.48 14.26 1.75
C GLY C 134 -5.29 14.58 0.87
N THR C 135 -4.49 13.57 0.52
CA THR C 135 -3.45 13.70 -0.48
C THR C 135 -4.02 13.78 -1.90
N GLY C 136 -5.34 13.65 -2.04
CA GLY C 136 -6.00 13.81 -3.32
C GLY C 136 -6.27 12.53 -4.08
N GLU C 137 -6.02 11.37 -3.49
CA GLU C 137 -6.19 10.11 -4.20
C GLU C 137 -7.61 9.58 -4.03
N VAL C 138 -8.20 9.15 -5.14
CA VAL C 138 -9.53 8.55 -5.17
C VAL C 138 -9.36 7.12 -5.64
N ILE C 139 -9.49 6.17 -4.72
CA ILE C 139 -9.15 4.77 -4.97
C ILE C 139 -10.43 3.94 -4.95
N ALA C 140 -10.58 3.09 -5.97
CA ALA C 140 -11.65 2.09 -6.01
C ALA C 140 -11.04 0.72 -5.79
N PRO C 141 -11.50 -0.05 -4.81
CA PRO C 141 -10.86 -1.34 -4.53
C PRO C 141 -11.17 -2.36 -5.61
N ASP C 142 -10.13 -3.11 -6.00
CA ASP C 142 -10.29 -4.13 -7.02
C ASP C 142 -11.16 -5.29 -6.53
N ASP C 143 -11.08 -5.61 -5.24
CA ASP C 143 -11.80 -6.74 -4.66
C ASP C 143 -13.05 -6.31 -3.89
N ASP C 144 -13.50 -5.07 -4.07
CA ASP C 144 -14.71 -4.56 -3.43
C ASP C 144 -14.64 -4.66 -1.91
N LEU C 145 -13.47 -4.35 -1.35
CA LEU C 145 -13.34 -4.18 0.09
C LEU C 145 -12.13 -3.29 0.35
N ILE C 146 -12.24 -2.43 1.36
CA ILE C 146 -11.19 -1.49 1.69
C ILE C 146 -11.47 -0.89 3.06
N ALA C 147 -10.48 -0.22 3.64
CA ALA C 147 -10.62 0.32 4.98
C ALA C 147 -9.79 1.59 5.10
N ILE C 148 -10.16 2.44 6.07
CA ILE C 148 -9.43 3.65 6.39
C ILE C 148 -9.21 3.70 7.90
N GLY C 149 -8.37 4.64 8.32
CA GLY C 149 -8.06 4.83 9.73
C GLY C 149 -6.73 4.21 10.11
N SER C 150 -6.34 4.45 11.36
CA SER C 150 -5.04 3.99 11.85
C SER C 150 -4.93 2.47 11.82
N GLY C 151 -6.04 1.77 12.01
CA GLY C 151 -6.02 0.31 11.98
C GLY C 151 -6.66 -0.29 10.74
N GLY C 152 -6.80 0.53 9.69
CA GLY C 152 -7.50 0.06 8.50
C GLY C 152 -6.78 -1.05 7.76
N ASN C 153 -5.44 -0.98 7.71
CA ASN C 153 -4.69 -2.00 6.99
C ASN C 153 -4.79 -3.36 7.68
N TYR C 154 -5.01 -3.38 8.99
CA TYR C 154 -5.19 -4.65 9.68
C TYR C 154 -6.57 -5.24 9.38
N ALA C 155 -7.61 -4.41 9.43
CA ALA C 155 -8.92 -4.88 9.00
C ALA C 155 -8.91 -5.26 7.51
N LEU C 156 -8.13 -4.54 6.70
CA LEU C 156 -7.99 -4.90 5.29
C LEU C 156 -7.34 -6.27 5.15
N SER C 157 -6.33 -6.56 5.98
CA SER C 157 -5.67 -7.87 5.93
C SER C 157 -6.62 -8.99 6.33
N ALA C 158 -7.38 -8.77 7.42
CA ALA C 158 -8.33 -9.79 7.85
C ALA C 158 -9.41 -10.00 6.82
N GLY C 159 -9.95 -8.92 6.25
CA GLY C 159 -11.03 -9.04 5.29
C GLY C 159 -10.61 -9.80 4.04
N ARG C 160 -9.40 -9.56 3.56
CA ARG C 160 -8.91 -10.29 2.39
C ARG C 160 -8.81 -11.78 2.69
N ALA C 161 -8.25 -12.13 3.86
CA ALA C 161 -8.17 -13.53 4.26
C ALA C 161 -9.55 -14.15 4.38
N LEU C 162 -10.52 -13.39 4.88
CA LEU C 162 -11.86 -13.93 5.08
C LEU C 162 -12.58 -14.12 3.75
N LYS C 163 -12.45 -13.15 2.83
CA LYS C 163 -13.09 -13.29 1.53
C LYS C 163 -12.54 -14.48 0.74
N ARG C 164 -11.32 -14.91 1.04
CA ARG C 164 -10.68 -15.99 0.30
C ARG C 164 -10.97 -17.36 0.91
N HIS C 165 -10.78 -17.51 2.21
CA HIS C 165 -10.88 -18.81 2.87
C HIS C 165 -12.10 -18.93 3.78
N ALA C 166 -12.99 -17.94 3.80
CA ALA C 166 -14.18 -17.99 4.63
C ALA C 166 -15.31 -17.26 3.93
N SER C 167 -15.50 -17.56 2.64
CA SER C 167 -16.53 -16.91 1.84
C SER C 167 -17.94 -17.20 2.33
N HIS C 168 -18.12 -18.19 3.20
CA HIS C 168 -19.45 -18.50 3.71
C HIS C 168 -19.99 -17.42 4.63
N LEU C 169 -19.13 -16.52 5.13
CA LEU C 169 -19.57 -15.45 6.01
C LEU C 169 -20.29 -14.37 5.23
N SER C 170 -21.32 -13.78 5.85
CA SER C 170 -22.03 -12.67 5.25
C SER C 170 -21.15 -11.42 5.25
N ALA C 171 -21.63 -10.38 4.56
CA ALA C 171 -20.87 -9.14 4.48
C ALA C 171 -20.78 -8.45 5.85
N GLU C 172 -21.89 -8.42 6.60
CA GLU C 172 -21.85 -7.81 7.92
C GLU C 172 -21.05 -8.64 8.90
N GLU C 173 -20.98 -9.96 8.69
CA GLU C 173 -20.12 -10.80 9.52
C GLU C 173 -18.65 -10.53 9.22
N MET C 174 -18.31 -10.44 7.93
CA MET C 174 -16.94 -10.10 7.55
C MET C 174 -16.54 -8.73 8.08
N ALA C 175 -17.46 -7.76 8.01
CA ALA C 175 -17.15 -6.42 8.49
C ALA C 175 -16.86 -6.43 9.99
N TYR C 176 -17.67 -7.14 10.76
CA TYR C 176 -17.46 -7.20 12.20
C TYR C 176 -16.18 -7.93 12.55
N GLU C 177 -15.94 -9.09 11.94
CA GLU C 177 -14.77 -9.89 12.27
C GLU C 177 -13.48 -9.19 11.88
N SER C 178 -13.50 -8.43 10.77
CA SER C 178 -12.30 -7.71 10.37
C SER C 178 -12.02 -6.55 11.32
N LEU C 179 -13.07 -5.86 11.78
CA LEU C 179 -12.88 -4.82 12.78
C LEU C 179 -12.40 -5.40 14.10
N LYS C 180 -12.89 -6.59 14.45
CA LYS C 180 -12.48 -7.23 15.70
C LYS C 180 -10.99 -7.57 15.68
N VAL C 181 -10.48 -7.99 14.52
CA VAL C 181 -9.06 -8.28 14.41
C VAL C 181 -8.23 -7.01 14.49
N ALA C 182 -8.69 -5.95 13.82
CA ALA C 182 -7.97 -4.68 13.87
C ALA C 182 -7.93 -4.12 15.28
N ALA C 183 -9.01 -4.29 16.04
CA ALA C 183 -9.10 -3.73 17.37
C ALA C 183 -8.10 -4.36 18.33
N ASP C 184 -7.86 -5.67 18.19
CA ASP C 184 -6.92 -6.37 19.05
C ASP C 184 -5.46 -6.10 18.71
N ILE C 185 -5.19 -5.32 17.65
CA ILE C 185 -3.84 -5.00 17.24
C ILE C 185 -3.56 -3.50 17.35
N CYS C 186 -4.49 -2.68 16.89
CA CYS C 186 -4.31 -1.24 16.90
C CYS C 186 -4.69 -0.68 18.27
N VAL C 187 -3.84 0.19 18.81
CA VAL C 187 -4.13 0.82 20.11
C VAL C 187 -5.18 1.91 20.01
N PHE C 188 -5.50 2.39 18.81
CA PHE C 188 -6.47 3.44 18.62
C PHE C 188 -7.83 2.92 18.17
N THR C 189 -8.06 1.62 18.28
CA THR C 189 -9.31 1.01 17.82
C THR C 189 -9.78 0.01 18.86
N ASN C 190 -11.03 0.13 19.29
CA ASN C 190 -11.60 -0.75 20.30
C ASN C 190 -12.63 -1.69 19.66
N ASP C 191 -13.25 -2.52 20.50
CA ASP C 191 -14.16 -3.56 20.03
C ASP C 191 -15.63 -3.14 20.11
N ASN C 192 -15.90 -1.86 20.37
CA ASN C 192 -17.27 -1.33 20.33
C ASN C 192 -17.64 -1.05 18.88
N ILE C 193 -17.88 -2.14 18.15
CA ILE C 193 -18.02 -2.10 16.70
C ILE C 193 -19.50 -2.00 16.35
N VAL C 194 -19.83 -1.07 15.45
CA VAL C 194 -21.18 -0.89 14.94
C VAL C 194 -21.15 -1.12 13.44
N VAL C 195 -21.99 -2.03 12.97
CA VAL C 195 -22.05 -2.41 11.55
C VAL C 195 -23.35 -1.90 10.95
N GLU C 196 -23.24 -1.16 9.85
CA GLU C 196 -24.38 -0.68 9.10
C GLU C 196 -24.46 -1.42 7.76
N THR C 197 -25.64 -1.92 7.44
CA THR C 197 -25.86 -2.65 6.19
C THR C 197 -26.82 -1.87 5.31
N LEU C 198 -26.50 -1.80 4.02
CA LEU C 198 -27.35 -1.12 3.05
C LEU C 198 -28.58 -1.96 2.72
#